data_1UBY
#
_entry.id   1UBY
#
_cell.length_a   88.300
_cell.length_b   88.300
_cell.length_c   274.700
_cell.angle_alpha   90.00
_cell.angle_beta   90.00
_cell.angle_gamma   90.00
#
_symmetry.space_group_name_H-M   'I 41 2 2'
#
loop_
_entity.id
_entity.type
_entity.pdbx_description
1 polymer 'FARNESYL DIPHOSPHATE SYNTHASE'
2 non-polymer 'MAGNESIUM ION'
3 non-polymer 'DIMETHYLALLYL DIPHOSPHATE'
4 water water
#
_entity_poly.entity_id   1
_entity_poly.type   'polypeptide(L)'
_entity_poly.pdbx_seq_one_letter_code
;MHKFTGVNAKFQQPALRNLSPVVVEREREEFVGFFPQIVRDLTEDGIGHPEVGDAVARLKEVLQYNAPGGKCNRGLTVVA
AYRELSGPGQKDAESLRCALAVGWCIELFQAASLVADDIMDQSLTRRGQLCWYKKEGVGLDAINDSFLLESSVYRVLKKY
CRQRPYYVHLLELFLQTAYQTELGQMLDLITAPVSKVDLSHFSEERYKAIVKYKTAFYSFYLPVAAAMYMVGIDSKEEHE
NAKAILLEMGEYFQIQDDYLDCFGDPALTGAVGTDIQDNKCSWLVVQCLQRVTPEQRQLLEDNYGRKEPEKVAKVKELYE
AVGMRAAFQQYEESSYRRLQELIEKHSNRLPKEIFLGLAQKIYKRQK
;
_entity_poly.pdbx_strand_id   A
#
# COMPACT_ATOMS: atom_id res chain seq x y z
N SER A 20 -6.66 14.22 -15.52
CA SER A 20 -6.56 14.16 -16.98
C SER A 20 -5.71 13.02 -17.59
N PRO A 21 -6.36 12.21 -18.44
CA PRO A 21 -5.74 11.09 -19.12
C PRO A 21 -4.34 11.44 -19.60
N VAL A 22 -4.22 12.48 -20.43
CA VAL A 22 -2.94 12.90 -20.99
C VAL A 22 -1.82 13.17 -20.01
N VAL A 23 -2.15 13.83 -18.92
CA VAL A 23 -1.13 14.17 -17.96
C VAL A 23 -0.74 13.01 -17.07
N VAL A 24 -1.77 12.46 -16.44
CA VAL A 24 -1.68 11.30 -15.57
C VAL A 24 -0.77 10.26 -16.25
N GLU A 25 -1.10 9.90 -17.49
CA GLU A 25 -0.33 8.88 -18.21
C GLU A 25 1.08 9.32 -18.62
N ARG A 26 1.21 10.59 -18.99
CA ARG A 26 2.55 11.07 -19.32
C ARG A 26 3.40 10.89 -18.06
N GLU A 27 2.81 11.25 -16.91
CA GLU A 27 3.47 11.03 -15.63
C GLU A 27 3.78 9.55 -15.50
N ARG A 28 2.78 8.65 -15.61
CA ARG A 28 3.04 7.19 -15.54
C ARG A 28 4.12 6.63 -16.44
N GLU A 29 4.13 7.03 -17.71
CA GLU A 29 5.15 6.58 -18.62
C GLU A 29 6.61 6.86 -18.21
N GLU A 30 6.82 8.02 -17.58
CA GLU A 30 8.15 8.46 -17.13
C GLU A 30 8.57 7.61 -15.92
N PHE A 31 7.61 7.37 -15.02
CA PHE A 31 7.87 6.55 -13.82
C PHE A 31 8.38 5.17 -14.18
N VAL A 32 7.54 4.43 -14.91
CA VAL A 32 7.82 3.09 -15.41
C VAL A 32 9.10 3.12 -16.18
N GLY A 33 9.23 4.09 -17.09
CA GLY A 33 10.43 4.18 -17.93
C GLY A 33 11.67 4.43 -17.08
N PHE A 34 11.42 4.78 -15.82
CA PHE A 34 12.51 5.02 -14.89
C PHE A 34 13.14 3.79 -14.21
N PHE A 35 12.41 2.66 -14.13
CA PHE A 35 12.86 1.43 -13.46
C PHE A 35 14.26 0.82 -13.77
N PRO A 36 14.60 0.70 -15.03
CA PRO A 36 15.92 0.15 -15.43
C PRO A 36 17.04 0.91 -14.75
N GLN A 37 16.86 2.22 -14.70
CA GLN A 37 17.83 3.14 -14.11
C GLN A 37 18.08 2.69 -12.70
N ILE A 38 16.99 2.49 -11.98
CA ILE A 38 17.13 2.13 -10.58
C ILE A 38 17.83 0.80 -10.48
N VAL A 39 17.42 -0.09 -11.38
CA VAL A 39 18.04 -1.35 -11.44
C VAL A 39 19.52 -1.14 -11.64
N ARG A 40 19.90 -0.41 -12.68
CA ARG A 40 21.33 -0.16 -12.88
C ARG A 40 22.03 0.45 -11.65
N ASP A 41 21.39 1.44 -11.04
CA ASP A 41 21.90 2.13 -9.87
C ASP A 41 22.30 1.08 -8.85
N LEU A 42 21.36 0.19 -8.57
CA LEU A 42 21.52 -0.86 -7.59
C LEU A 42 22.53 -1.96 -7.88
N THR A 43 22.78 -2.27 -9.15
CA THR A 43 23.67 -3.39 -9.50
C THR A 43 24.84 -3.20 -10.45
N GLU A 44 24.81 -2.17 -11.29
CA GLU A 44 25.82 -1.95 -12.31
C GLU A 44 27.26 -2.19 -11.86
N ASP A 45 27.71 -1.42 -10.87
CA ASP A 45 29.06 -1.58 -10.42
C ASP A 45 29.26 -2.80 -9.52
N GLY A 46 28.14 -3.42 -9.16
CA GLY A 46 28.19 -4.64 -8.35
C GLY A 46 28.34 -5.95 -9.16
N ILE A 47 27.82 -5.97 -10.38
CA ILE A 47 27.82 -7.16 -11.24
C ILE A 47 29.18 -7.73 -11.61
N GLY A 48 30.18 -6.87 -11.63
CA GLY A 48 31.52 -7.34 -11.98
C GLY A 48 32.35 -7.75 -10.74
N HIS A 49 31.99 -7.18 -9.59
CA HIS A 49 32.73 -7.42 -8.35
C HIS A 49 33.13 -8.84 -8.14
N PRO A 50 34.43 -9.01 -8.24
CA PRO A 50 35.03 -10.31 -8.07
C PRO A 50 34.65 -11.01 -6.76
N GLU A 51 34.09 -10.31 -5.77
CA GLU A 51 33.72 -11.03 -4.55
C GLU A 51 32.24 -11.29 -4.43
N VAL A 52 31.44 -10.26 -4.67
CA VAL A 52 30.01 -10.31 -4.47
C VAL A 52 29.21 -10.41 -5.74
N GLY A 53 29.92 -10.37 -6.85
CA GLY A 53 29.26 -10.40 -8.14
C GLY A 53 28.16 -11.43 -8.29
N ASP A 54 28.35 -12.60 -7.70
CA ASP A 54 27.31 -13.63 -7.84
C ASP A 54 26.10 -13.10 -7.08
N ALA A 55 26.39 -12.52 -5.94
CA ALA A 55 25.29 -12.01 -5.16
C ALA A 55 24.54 -10.88 -5.82
N VAL A 56 25.28 -9.91 -6.36
CA VAL A 56 24.55 -8.77 -6.91
C VAL A 56 23.82 -9.10 -8.15
N ALA A 57 24.35 -10.11 -8.81
CA ALA A 57 23.69 -10.63 -9.99
C ALA A 57 22.34 -11.23 -9.62
N ARG A 58 22.27 -11.91 -8.47
CA ARG A 58 21.01 -12.51 -8.01
C ARG A 58 20.03 -11.41 -7.62
N LEU A 59 20.57 -10.32 -7.04
CA LEU A 59 19.77 -9.14 -6.64
C LEU A 59 18.99 -8.57 -7.80
N LYS A 60 19.68 -8.54 -8.93
CA LYS A 60 19.11 -7.99 -10.13
C LYS A 60 17.82 -8.71 -10.38
N GLU A 61 17.90 -10.03 -10.35
CA GLU A 61 16.70 -10.83 -10.58
C GLU A 61 15.55 -10.53 -9.62
N VAL A 62 15.89 -10.44 -8.31
CA VAL A 62 14.92 -10.11 -7.25
C VAL A 62 14.19 -8.81 -7.54
N LEU A 63 14.97 -7.78 -7.85
CA LEU A 63 14.37 -6.50 -8.21
C LEU A 63 13.40 -6.74 -9.36
N GLN A 64 13.97 -7.31 -10.40
CA GLN A 64 13.17 -7.47 -11.58
C GLN A 64 12.00 -8.35 -11.37
N TYR A 65 12.09 -9.35 -10.51
CA TYR A 65 10.88 -10.17 -10.39
C TYR A 65 9.78 -9.48 -9.60
N ASN A 66 10.20 -8.81 -8.53
CA ASN A 66 9.27 -8.26 -7.59
C ASN A 66 8.82 -6.81 -7.54
N ALA A 67 9.73 -5.89 -7.87
CA ALA A 67 9.42 -4.47 -7.79
C ALA A 67 8.41 -3.95 -8.83
N PRO A 68 8.54 -4.38 -10.08
CA PRO A 68 7.65 -3.89 -11.11
C PRO A 68 6.43 -4.73 -11.11
N GLY A 69 5.39 -4.16 -11.71
CA GLY A 69 4.09 -4.84 -11.86
C GLY A 69 2.85 -4.39 -11.10
N GLY A 70 2.96 -3.38 -10.25
CA GLY A 70 1.80 -2.90 -9.53
C GLY A 70 1.23 -1.83 -10.44
N LYS A 71 0.52 -0.90 -9.82
CA LYS A 71 0.00 0.19 -10.59
C LYS A 71 0.96 1.40 -10.51
N CYS A 72 1.70 1.48 -9.40
CA CYS A 72 2.66 2.56 -9.15
C CYS A 72 1.97 3.82 -8.60
N ASN A 73 0.69 3.72 -8.27
CA ASN A 73 0.05 4.92 -7.81
C ASN A 73 0.66 5.38 -6.52
N ARG A 74 1.43 4.51 -5.90
CA ARG A 74 2.05 4.97 -4.68
C ARG A 74 3.23 5.84 -5.01
N GLY A 75 4.18 5.26 -5.73
CA GLY A 75 5.34 6.00 -6.17
C GLY A 75 4.91 7.25 -6.95
N LEU A 76 3.94 7.12 -7.84
CA LEU A 76 3.50 8.27 -8.59
C LEU A 76 3.05 9.48 -7.73
N THR A 77 2.44 9.18 -6.60
CA THR A 77 1.97 10.20 -5.70
C THR A 77 3.07 11.19 -5.30
N VAL A 78 4.27 10.71 -5.06
CA VAL A 78 5.36 11.62 -4.70
C VAL A 78 5.54 12.62 -5.83
N VAL A 79 5.64 12.06 -7.00
CA VAL A 79 5.88 12.88 -8.16
C VAL A 79 4.86 13.96 -8.33
N ALA A 80 3.60 13.57 -8.42
CA ALA A 80 2.63 14.59 -8.70
C ALA A 80 2.64 15.59 -7.56
N ALA A 81 2.71 15.10 -6.32
CA ALA A 81 2.74 16.09 -5.21
C ALA A 81 3.87 17.10 -5.29
N TYR A 82 5.05 16.59 -5.63
CA TYR A 82 6.22 17.41 -5.70
C TYR A 82 5.87 18.47 -6.71
N ARG A 83 5.35 17.97 -7.82
CA ARG A 83 4.92 18.80 -8.92
C ARG A 83 3.91 19.76 -8.38
N GLU A 84 3.15 19.42 -7.39
CA GLU A 84 2.16 20.42 -7.13
C GLU A 84 2.66 21.41 -6.09
N LEU A 85 3.78 21.07 -5.46
CA LEU A 85 4.30 21.82 -4.34
C LEU A 85 5.50 22.71 -4.58
N SER A 86 6.34 22.25 -5.51
CA SER A 86 7.59 22.93 -5.85
C SER A 86 7.19 24.25 -6.44
N GLY A 87 8.18 25.14 -6.56
CA GLY A 87 8.00 26.47 -7.14
C GLY A 87 8.76 26.42 -8.43
N PRO A 88 8.65 27.45 -9.27
CA PRO A 88 9.33 27.49 -10.55
C PRO A 88 10.80 27.17 -10.49
N GLY A 89 11.44 27.56 -9.38
CA GLY A 89 12.86 27.31 -9.20
C GLY A 89 13.26 25.82 -9.11
N GLN A 90 12.33 25.00 -8.59
CA GLN A 90 12.52 23.59 -8.35
C GLN A 90 11.91 22.57 -9.28
N LYS A 91 11.81 22.90 -10.56
CA LYS A 91 11.31 21.92 -11.50
C LYS A 91 12.40 21.43 -12.47
N ASP A 92 13.66 21.56 -12.06
CA ASP A 92 14.71 21.11 -12.93
C ASP A 92 14.63 19.63 -13.06
N ALA A 93 15.35 19.16 -14.05
CA ALA A 93 15.45 17.78 -14.41
C ALA A 93 15.97 17.02 -13.26
N GLU A 94 16.94 17.64 -12.60
CA GLU A 94 17.59 16.96 -11.51
C GLU A 94 16.61 16.69 -10.40
N SER A 95 15.95 17.78 -10.03
CA SER A 95 14.93 17.75 -9.01
C SER A 95 13.87 16.74 -9.42
N LEU A 96 13.49 16.77 -10.69
CA LEU A 96 12.47 15.83 -11.11
C LEU A 96 12.89 14.38 -10.97
N ARG A 97 14.09 14.05 -11.41
CA ARG A 97 14.58 12.70 -11.25
C ARG A 97 14.50 12.27 -9.79
N CYS A 98 14.81 13.16 -8.84
CA CYS A 98 14.81 12.68 -7.44
C CYS A 98 13.44 12.24 -7.03
N ALA A 99 12.48 13.06 -7.44
CA ALA A 99 11.11 12.81 -7.11
C ALA A 99 10.81 11.41 -7.63
N LEU A 100 11.18 11.11 -8.86
CA LEU A 100 10.93 9.79 -9.40
C LEU A 100 11.65 8.76 -8.54
N ALA A 101 12.93 8.98 -8.42
CA ALA A 101 13.73 8.12 -7.61
C ALA A 101 13.01 7.96 -6.23
N VAL A 102 12.72 9.01 -5.47
CA VAL A 102 12.07 8.79 -4.18
C VAL A 102 10.75 8.02 -4.34
N GLY A 103 10.16 8.13 -5.53
CA GLY A 103 8.91 7.41 -5.81
C GLY A 103 9.10 5.88 -5.85
N TRP A 104 10.14 5.48 -6.56
CA TRP A 104 10.43 4.08 -6.68
C TRP A 104 10.79 3.43 -5.37
N CYS A 105 11.26 4.29 -4.46
CA CYS A 105 11.66 3.89 -3.13
C CYS A 105 10.44 3.35 -2.39
N ILE A 106 9.31 4.01 -2.54
CA ILE A 106 8.13 3.56 -1.82
C ILE A 106 7.76 2.21 -2.42
N GLU A 107 7.94 2.10 -3.73
CA GLU A 107 7.69 0.89 -4.50
C GLU A 107 8.60 -0.20 -4.02
N LEU A 108 9.90 0.04 -3.99
CA LEU A 108 10.79 -0.96 -3.44
C LEU A 108 10.39 -1.41 -2.00
N PHE A 109 10.15 -0.46 -1.11
CA PHE A 109 9.79 -0.80 0.24
C PHE A 109 8.55 -1.75 0.32
N GLN A 110 7.50 -1.39 -0.38
CA GLN A 110 6.29 -2.21 -0.36
C GLN A 110 6.48 -3.62 -0.88
N ALA A 111 7.35 -3.74 -1.87
CA ALA A 111 7.75 -5.02 -2.40
C ALA A 111 8.45 -5.80 -1.33
N ALA A 112 9.34 -5.15 -0.61
CA ALA A 112 10.07 -5.84 0.42
C ALA A 112 8.99 -6.44 1.32
N SER A 113 8.02 -5.60 1.67
CA SER A 113 6.88 -5.99 2.50
C SER A 113 6.16 -7.22 1.96
N LEU A 114 5.44 -7.02 0.86
CA LEU A 114 4.71 -8.09 0.19
C LEU A 114 5.47 -9.40 0.09
N VAL A 115 6.74 -9.33 -0.35
CA VAL A 115 7.47 -10.59 -0.53
C VAL A 115 7.35 -11.35 0.75
N ALA A 116 7.44 -10.65 1.86
CA ALA A 116 7.31 -11.29 3.14
C ALA A 116 5.88 -11.63 3.52
N ASP A 117 4.91 -10.75 3.20
CA ASP A 117 3.53 -11.09 3.52
C ASP A 117 3.27 -12.49 2.92
N ASP A 118 3.83 -12.72 1.73
CA ASP A 118 3.67 -13.98 1.02
C ASP A 118 4.19 -15.28 1.73
N ILE A 119 5.37 -15.23 2.33
CA ILE A 119 5.91 -16.42 2.98
C ILE A 119 5.17 -16.76 4.26
N MET A 120 4.65 -15.73 4.89
CA MET A 120 3.99 -15.84 6.18
C MET A 120 2.55 -16.21 5.93
N ASP A 121 2.12 -16.14 4.70
CA ASP A 121 0.75 -16.45 4.44
C ASP A 121 0.65 -17.71 3.60
N GLN A 122 1.81 -18.20 3.15
CA GLN A 122 1.83 -19.41 2.36
C GLN A 122 0.95 -19.19 1.17
N SER A 123 1.10 -18.00 0.59
CA SER A 123 0.32 -17.65 -0.59
C SER A 123 0.94 -18.29 -1.80
N LEU A 124 0.21 -18.22 -2.90
CA LEU A 124 0.67 -18.90 -4.09
C LEU A 124 0.97 -17.92 -5.23
N THR A 125 0.12 -16.92 -5.27
CA THR A 125 0.16 -15.93 -6.31
C THR A 125 0.26 -14.45 -5.90
N ARG A 126 0.82 -13.66 -6.81
CA ARG A 126 0.94 -12.24 -6.56
C ARG A 126 1.07 -11.43 -7.83
N ARG A 127 0.23 -10.40 -7.98
CA ARG A 127 0.44 -9.57 -9.17
C ARG A 127 0.52 -10.50 -10.40
N GLY A 128 -0.31 -11.54 -10.36
CA GLY A 128 -0.40 -12.57 -11.42
C GLY A 128 0.85 -13.41 -11.74
N GLN A 129 1.77 -13.50 -10.83
CA GLN A 129 2.93 -14.27 -11.12
C GLN A 129 2.87 -15.11 -9.85
N LEU A 130 3.71 -16.13 -9.82
CA LEU A 130 3.81 -16.96 -8.63
C LEU A 130 4.64 -16.24 -7.51
N CYS A 131 4.31 -16.44 -6.24
CA CYS A 131 5.06 -15.80 -5.16
C CYS A 131 6.57 -16.01 -5.32
N TRP A 132 7.35 -15.00 -4.98
CA TRP A 132 8.75 -15.17 -5.24
C TRP A 132 9.21 -16.41 -4.44
N TYR A 133 8.71 -16.58 -3.23
CA TYR A 133 9.22 -17.70 -2.48
C TYR A 133 8.97 -19.11 -3.03
N LYS A 134 7.93 -19.22 -3.84
CA LYS A 134 7.51 -20.48 -4.43
C LYS A 134 8.32 -20.91 -5.63
N LYS A 135 9.14 -20.02 -6.16
CA LYS A 135 10.00 -20.39 -7.28
C LYS A 135 10.99 -21.44 -6.77
N GLU A 136 11.12 -22.58 -7.45
CA GLU A 136 12.07 -23.62 -7.04
C GLU A 136 13.46 -22.97 -6.98
N GLY A 137 14.26 -23.45 -6.03
CA GLY A 137 15.59 -22.92 -5.91
C GLY A 137 15.68 -21.71 -4.97
N VAL A 138 14.54 -21.05 -4.73
CA VAL A 138 14.42 -19.91 -3.81
C VAL A 138 14.03 -20.40 -2.39
N GLY A 139 12.73 -20.49 -2.11
CA GLY A 139 12.32 -20.96 -0.77
C GLY A 139 12.40 -19.90 0.35
N LEU A 140 12.84 -20.33 1.53
CA LEU A 140 12.97 -19.45 2.67
C LEU A 140 14.04 -18.37 2.41
N ASP A 141 14.87 -18.62 1.44
CA ASP A 141 15.89 -17.66 1.04
C ASP A 141 15.29 -16.32 0.76
N ALA A 142 14.04 -16.32 0.30
CA ALA A 142 13.43 -15.06 0.00
C ALA A 142 13.46 -14.22 1.29
N ILE A 143 13.58 -14.86 2.45
CA ILE A 143 13.56 -14.11 3.69
C ILE A 143 14.70 -13.12 3.58
N ASN A 144 15.85 -13.62 3.17
CA ASN A 144 16.89 -12.65 2.99
C ASN A 144 16.69 -11.72 1.81
N ASP A 145 15.90 -12.15 0.83
CA ASP A 145 15.70 -11.33 -0.36
C ASP A 145 14.90 -10.09 -0.07
N SER A 146 13.91 -10.22 0.80
CA SER A 146 13.19 -9.01 1.08
C SER A 146 14.08 -8.11 1.97
N PHE A 147 15.00 -8.69 2.73
CA PHE A 147 15.81 -7.81 3.52
C PHE A 147 16.55 -6.93 2.52
N LEU A 148 17.07 -7.56 1.48
CA LEU A 148 17.81 -6.87 0.42
C LEU A 148 17.03 -5.88 -0.40
N LEU A 149 15.71 -6.04 -0.44
CA LEU A 149 14.87 -5.14 -1.23
C LEU A 149 14.71 -3.92 -0.38
N GLU A 150 14.62 -4.15 0.92
CA GLU A 150 14.48 -3.08 1.88
C GLU A 150 15.79 -2.24 1.95
N SER A 151 16.93 -2.91 1.91
CA SER A 151 18.22 -2.22 1.90
C SER A 151 18.29 -1.28 0.71
N SER A 152 17.67 -1.74 -0.37
CA SER A 152 17.74 -1.08 -1.64
C SER A 152 17.19 0.30 -1.66
N VAL A 153 16.17 0.46 -0.85
CA VAL A 153 15.50 1.73 -0.67
C VAL A 153 16.50 2.83 -0.21
N TYR A 154 17.31 2.51 0.79
CA TYR A 154 18.28 3.44 1.34
C TYR A 154 19.49 3.65 0.45
N ARG A 155 19.75 2.67 -0.42
CA ARG A 155 20.86 2.82 -1.35
C ARG A 155 20.43 3.83 -2.40
N VAL A 156 19.15 3.81 -2.74
CA VAL A 156 18.66 4.74 -3.71
C VAL A 156 18.63 6.18 -3.16
N LEU A 157 18.30 6.28 -1.90
CA LEU A 157 18.24 7.60 -1.29
C LEU A 157 19.66 8.09 -1.22
N LYS A 158 20.58 7.26 -0.73
CA LYS A 158 21.92 7.76 -0.62
C LYS A 158 22.37 8.29 -1.99
N LYS A 159 21.93 7.61 -3.02
CA LYS A 159 22.32 7.95 -4.37
C LYS A 159 21.82 9.28 -4.91
N TYR A 160 20.56 9.61 -4.71
CA TYR A 160 20.00 10.83 -5.22
C TYR A 160 19.84 12.02 -4.25
N CYS A 161 19.86 11.79 -2.95
CA CYS A 161 19.53 12.86 -2.03
C CYS A 161 20.52 13.13 -0.92
N ARG A 162 21.63 12.42 -0.99
CA ARG A 162 22.70 12.49 -0.02
C ARG A 162 23.22 13.91 0.26
N GLN A 163 23.30 14.72 -0.81
CA GLN A 163 23.75 16.14 -0.81
C GLN A 163 22.55 17.09 -0.88
N ARG A 164 21.56 16.83 -0.02
CA ARG A 164 20.32 17.57 -0.06
C ARG A 164 19.91 17.89 1.34
N PRO A 165 19.37 19.07 1.55
CA PRO A 165 19.06 19.44 2.89
C PRO A 165 18.11 18.46 3.53
N TYR A 166 17.17 17.92 2.78
CA TYR A 166 16.20 17.03 3.38
C TYR A 166 16.60 15.53 3.57
N TYR A 167 17.86 15.18 3.31
CA TYR A 167 18.34 13.80 3.43
C TYR A 167 17.93 13.16 4.72
N VAL A 168 18.32 13.77 5.84
CA VAL A 168 17.94 13.17 7.10
C VAL A 168 16.46 12.95 7.30
N HIS A 169 15.67 13.92 6.89
CA HIS A 169 14.25 13.81 7.11
C HIS A 169 13.69 12.61 6.41
N LEU A 170 14.09 12.45 5.16
CA LEU A 170 13.63 11.37 4.30
C LEU A 170 14.13 10.00 4.86
N LEU A 171 15.38 9.94 5.31
CA LEU A 171 15.92 8.72 5.93
C LEU A 171 15.04 8.36 7.16
N GLU A 172 14.82 9.32 8.06
CA GLU A 172 14.04 9.10 9.26
C GLU A 172 12.65 8.71 8.93
N LEU A 173 12.10 9.39 7.95
CA LEU A 173 10.74 9.11 7.48
C LEU A 173 10.50 7.65 6.96
N PHE A 174 11.45 7.06 6.24
CA PHE A 174 11.25 5.76 5.67
C PHE A 174 11.49 4.77 6.77
N LEU A 175 12.48 5.04 7.60
CA LEU A 175 12.73 4.11 8.66
C LEU A 175 11.53 4.04 9.59
N GLN A 176 10.89 5.17 9.86
CA GLN A 176 9.77 5.14 10.82
C GLN A 176 8.58 4.39 10.23
N THR A 177 8.28 4.69 8.99
CA THR A 177 7.13 4.09 8.38
C THR A 177 7.41 2.59 8.42
N ALA A 178 8.65 2.21 8.16
CA ALA A 178 8.90 0.78 8.15
C ALA A 178 8.48 0.15 9.46
N TYR A 179 8.79 0.80 10.55
CA TYR A 179 8.41 0.27 11.82
C TYR A 179 6.90 0.33 11.98
N GLN A 180 6.26 1.38 11.53
CA GLN A 180 4.86 1.41 11.84
C GLN A 180 4.04 0.37 11.10
N THR A 181 4.46 0.07 9.87
CA THR A 181 3.72 -0.94 9.12
C THR A 181 3.95 -2.37 9.73
N GLU A 182 5.20 -2.67 10.07
CA GLU A 182 5.61 -3.90 10.71
C GLU A 182 4.75 -4.12 11.92
N LEU A 183 4.41 -3.01 12.60
CA LEU A 183 3.55 -3.13 13.75
C LEU A 183 2.19 -3.51 13.26
N GLY A 184 1.67 -2.78 12.29
CA GLY A 184 0.34 -3.07 11.72
C GLY A 184 0.35 -4.51 11.21
N GLN A 185 1.50 -4.95 10.71
CA GLN A 185 1.57 -6.26 10.20
C GLN A 185 1.47 -7.19 11.35
N MET A 186 2.23 -6.86 12.35
CA MET A 186 2.30 -7.68 13.54
C MET A 186 0.89 -7.90 14.06
N LEU A 187 0.10 -6.83 14.11
CA LEU A 187 -1.25 -6.92 14.62
C LEU A 187 -2.06 -7.88 13.78
N ASP A 188 -1.89 -7.76 12.47
CA ASP A 188 -2.57 -8.64 11.55
C ASP A 188 -2.24 -10.07 11.94
N LEU A 189 -0.95 -10.39 11.89
CA LEU A 189 -0.47 -11.73 12.12
C LEU A 189 -1.03 -12.35 13.40
N ILE A 190 -1.37 -11.47 14.32
CA ILE A 190 -1.82 -11.96 15.56
C ILE A 190 -3.32 -12.10 15.61
N THR A 191 -4.00 -11.18 14.95
CA THR A 191 -5.44 -11.11 14.94
C THR A 191 -6.01 -12.22 14.06
N ALA A 192 -5.66 -12.21 12.79
CA ALA A 192 -6.17 -13.23 11.89
C ALA A 192 -5.04 -14.19 11.59
N PRO A 193 -4.88 -15.21 12.42
CA PRO A 193 -3.88 -16.24 12.15
C PRO A 193 -4.49 -17.14 11.04
N VAL A 194 -3.83 -17.17 9.87
CA VAL A 194 -4.30 -17.89 8.67
C VAL A 194 -4.37 -19.41 8.70
N SER A 195 -4.30 -19.98 9.91
CA SER A 195 -4.38 -21.43 10.13
C SER A 195 -5.22 -21.65 11.39
N LYS A 196 -6.36 -20.97 11.48
CA LYS A 196 -7.17 -21.03 12.66
C LYS A 196 -8.13 -19.86 12.51
N VAL A 197 -9.41 -20.16 12.35
CA VAL A 197 -10.47 -19.12 12.17
C VAL A 197 -10.65 -17.93 13.17
N ASP A 198 -10.90 -18.24 14.45
CA ASP A 198 -11.12 -17.25 15.51
C ASP A 198 -11.51 -15.79 15.17
N LEU A 199 -12.84 -15.56 15.13
CA LEU A 199 -13.48 -14.27 14.85
C LEU A 199 -13.65 -13.50 16.14
N SER A 200 -13.04 -14.07 17.17
CA SER A 200 -13.06 -13.53 18.53
C SER A 200 -12.46 -12.15 18.43
N HIS A 201 -11.27 -12.11 17.86
CA HIS A 201 -10.63 -10.86 17.74
C HIS A 201 -10.90 -10.04 16.51
N PHE A 202 -11.93 -10.37 15.75
CA PHE A 202 -12.19 -9.46 14.63
C PHE A 202 -13.05 -8.30 15.10
N SER A 203 -12.45 -7.29 15.73
CA SER A 203 -13.21 -6.13 16.19
C SER A 203 -13.12 -4.95 15.22
N GLU A 204 -13.97 -3.95 15.46
CA GLU A 204 -13.95 -2.73 14.68
C GLU A 204 -12.67 -1.91 14.87
N GLU A 205 -12.17 -1.82 16.11
CA GLU A 205 -10.98 -1.04 16.37
C GLU A 205 -9.70 -1.77 16.06
N ARG A 206 -9.80 -3.08 15.96
CA ARG A 206 -8.62 -3.83 15.69
C ARG A 206 -8.50 -3.67 14.16
N TYR A 207 -9.62 -3.83 13.47
CA TYR A 207 -9.55 -3.68 12.03
C TYR A 207 -8.98 -2.30 11.71
N LYS A 208 -9.64 -1.27 12.20
CA LYS A 208 -9.15 0.10 12.06
C LYS A 208 -7.69 0.26 12.50
N ALA A 209 -7.27 -0.41 13.56
CA ALA A 209 -5.89 -0.22 13.94
C ALA A 209 -4.98 -0.92 12.96
N ILE A 210 -5.38 -2.09 12.50
CA ILE A 210 -4.56 -2.83 11.55
C ILE A 210 -4.47 -1.97 10.28
N VAL A 211 -5.60 -1.41 9.88
CA VAL A 211 -5.55 -0.63 8.68
C VAL A 211 -4.68 0.64 8.79
N LYS A 212 -4.82 1.38 9.90
CA LYS A 212 -4.05 2.60 10.09
C LYS A 212 -2.56 2.30 9.87
N TYR A 213 -2.05 1.35 10.64
CA TYR A 213 -0.64 0.99 10.51
C TYR A 213 -0.13 0.24 9.29
N LYS A 214 -0.73 -0.89 8.94
CA LYS A 214 -0.23 -1.74 7.86
C LYS A 214 -0.20 -1.13 6.47
N THR A 215 -0.97 -0.08 6.24
CA THR A 215 -1.00 0.39 4.87
C THR A 215 -1.15 1.86 4.64
N ALA A 216 -1.96 2.46 5.52
CA ALA A 216 -2.28 3.88 5.44
C ALA A 216 -1.01 4.74 5.46
N PHE A 217 -0.27 4.58 6.54
CA PHE A 217 1.01 5.26 6.68
C PHE A 217 1.88 5.15 5.42
N TYR A 218 2.16 3.93 4.99
CA TYR A 218 3.03 3.84 3.86
C TYR A 218 2.34 4.09 2.56
N SER A 219 1.04 3.85 2.46
CA SER A 219 0.38 4.06 1.19
C SER A 219 0.00 5.50 0.89
N PHE A 220 -0.36 6.25 1.92
CA PHE A 220 -0.79 7.62 1.68
C PHE A 220 0.05 8.78 2.29
N TYR A 221 0.30 8.67 3.56
CA TYR A 221 1.12 9.67 4.23
C TYR A 221 2.53 9.75 3.66
N LEU A 222 3.24 8.63 3.63
CA LEU A 222 4.56 8.62 3.09
C LEU A 222 4.83 9.34 1.76
N PRO A 223 4.09 9.04 0.68
CA PRO A 223 4.40 9.75 -0.55
C PRO A 223 4.22 11.30 -0.40
N VAL A 224 3.18 11.79 0.28
CA VAL A 224 3.03 13.23 0.44
C VAL A 224 4.10 13.81 1.39
N ALA A 225 4.27 13.18 2.54
CA ALA A 225 5.23 13.69 3.49
C ALA A 225 6.54 13.80 2.74
N ALA A 226 6.84 12.86 1.87
CA ALA A 226 8.16 12.94 1.23
C ALA A 226 8.30 14.18 0.38
N ALA A 227 7.23 14.43 -0.34
CA ALA A 227 7.24 15.55 -1.21
C ALA A 227 7.29 16.82 -0.34
N MET A 228 6.71 16.77 0.84
CA MET A 228 6.68 17.95 1.67
C MET A 228 8.05 18.37 2.09
N TYR A 229 8.78 17.40 2.61
CA TYR A 229 10.12 17.66 3.10
C TYR A 229 10.99 18.05 1.91
N MET A 230 10.65 17.63 0.70
CA MET A 230 11.55 17.93 -0.41
C MET A 230 11.35 19.36 -0.81
N VAL A 231 10.20 19.96 -0.52
CA VAL A 231 10.09 21.38 -0.85
C VAL A 231 10.46 22.28 0.33
N GLY A 232 10.67 21.71 1.50
CA GLY A 232 11.06 22.47 2.68
C GLY A 232 10.05 22.50 3.83
N ILE A 233 8.89 21.89 3.64
CA ILE A 233 7.92 21.88 4.71
C ILE A 233 8.38 20.80 5.62
N ASP A 234 9.07 21.17 6.70
CA ASP A 234 9.58 20.18 7.62
C ASP A 234 8.87 20.35 8.95
N SER A 235 7.92 21.29 8.97
CA SER A 235 7.08 21.61 10.14
C SER A 235 6.26 20.43 10.65
N LYS A 236 6.51 20.00 11.89
CA LYS A 236 5.84 18.82 12.45
C LYS A 236 4.33 18.97 12.36
N GLU A 237 3.88 20.13 12.76
CA GLU A 237 2.46 20.33 12.77
C GLU A 237 1.88 20.46 11.38
N GLU A 238 2.73 20.63 10.38
CA GLU A 238 2.18 20.65 9.04
C GLU A 238 2.19 19.15 8.63
N HIS A 239 3.04 18.36 9.25
CA HIS A 239 2.96 16.97 9.00
C HIS A 239 1.73 16.35 9.63
N GLU A 240 1.23 16.98 10.69
CA GLU A 240 0.04 16.44 11.31
C GLU A 240 -1.17 16.78 10.44
N ASN A 241 -1.26 18.00 9.93
CA ASN A 241 -2.38 18.34 9.06
C ASN A 241 -2.48 17.42 7.83
N ALA A 242 -1.33 16.97 7.34
CA ALA A 242 -1.35 16.05 6.20
C ALA A 242 -1.80 14.67 6.73
N LYS A 243 -1.11 14.22 7.76
CA LYS A 243 -1.34 12.92 8.34
C LYS A 243 -2.81 12.77 8.58
N ALA A 244 -3.45 13.85 9.02
CA ALA A 244 -4.87 13.77 9.34
C ALA A 244 -5.69 13.46 8.17
N ILE A 245 -5.59 14.31 7.19
CA ILE A 245 -6.44 14.06 6.09
C ILE A 245 -6.07 12.72 5.46
N LEU A 246 -4.78 12.50 5.29
CA LEU A 246 -4.33 11.34 4.61
C LEU A 246 -4.74 10.06 5.25
N LEU A 247 -4.77 10.01 6.56
CA LEU A 247 -5.17 8.78 7.23
C LEU A 247 -6.66 8.34 7.01
N GLU A 248 -7.55 9.31 6.83
CA GLU A 248 -8.96 9.06 6.54
C GLU A 248 -9.01 8.40 5.19
N MET A 249 -8.26 9.03 4.31
CA MET A 249 -8.11 8.60 2.97
C MET A 249 -7.78 7.10 2.91
N GLY A 250 -6.58 6.72 3.33
CA GLY A 250 -6.13 5.35 3.22
C GLY A 250 -7.01 4.43 4.01
N GLU A 251 -7.77 4.97 4.94
CA GLU A 251 -8.62 4.06 5.65
C GLU A 251 -9.78 3.70 4.70
N TYR A 252 -10.42 4.72 4.13
CA TYR A 252 -11.50 4.52 3.20
C TYR A 252 -10.99 3.61 2.08
N PHE A 253 -9.73 3.74 1.80
CA PHE A 253 -9.29 2.99 0.70
C PHE A 253 -9.25 1.55 0.93
N GLN A 254 -8.77 1.18 2.11
CA GLN A 254 -8.68 -0.20 2.48
C GLN A 254 -10.09 -0.77 2.47
N ILE A 255 -11.01 -0.05 3.10
CA ILE A 255 -12.39 -0.45 3.16
C ILE A 255 -12.86 -0.81 1.74
N GLN A 256 -12.71 0.15 0.83
CA GLN A 256 -13.09 -0.01 -0.57
C GLN A 256 -12.55 -1.29 -1.17
N ASP A 257 -11.22 -1.50 -1.10
CA ASP A 257 -10.60 -2.74 -1.63
C ASP A 257 -11.45 -3.84 -1.02
N ASP A 258 -11.71 -3.73 0.26
CA ASP A 258 -12.45 -4.73 0.97
C ASP A 258 -13.81 -5.08 0.37
N TYR A 259 -14.56 -4.02 -0.01
CA TYR A 259 -15.89 -4.12 -0.58
C TYR A 259 -15.80 -4.62 -1.98
N LEU A 260 -14.87 -4.05 -2.71
CA LEU A 260 -14.70 -4.42 -4.08
C LEU A 260 -14.43 -5.93 -4.21
N ASP A 261 -13.54 -6.45 -3.37
CA ASP A 261 -13.18 -7.86 -3.37
C ASP A 261 -14.45 -8.75 -3.44
N CYS A 262 -15.40 -8.49 -2.56
CA CYS A 262 -16.58 -9.31 -2.55
C CYS A 262 -17.64 -8.83 -3.52
N PHE A 263 -18.09 -7.62 -3.36
CA PHE A 263 -19.15 -7.16 -4.21
C PHE A 263 -18.87 -6.31 -5.41
N GLY A 264 -17.75 -6.48 -6.09
CA GLY A 264 -17.55 -5.63 -7.24
C GLY A 264 -17.24 -6.52 -8.42
N ASP A 265 -17.25 -5.96 -9.64
CA ASP A 265 -16.84 -6.71 -10.84
C ASP A 265 -16.48 -6.02 -12.11
N PRO A 266 -17.50 -5.42 -12.72
CA PRO A 266 -17.34 -4.74 -14.00
C PRO A 266 -16.19 -3.72 -14.17
N ALA A 267 -15.10 -4.22 -14.76
CA ALA A 267 -13.86 -3.54 -15.03
C ALA A 267 -12.85 -3.83 -13.93
N LEU A 268 -13.24 -4.67 -12.99
CA LEU A 268 -12.35 -5.04 -11.89
C LEU A 268 -10.86 -5.30 -12.17
N THR A 269 -10.07 -4.32 -11.73
CA THR A 269 -8.59 -4.23 -11.78
C THR A 269 -7.77 -5.53 -11.59
N GLY A 270 -7.64 -6.31 -12.66
CA GLY A 270 -6.94 -7.59 -12.61
C GLY A 270 -7.84 -8.61 -11.87
N ALA A 271 -7.17 -9.51 -11.15
CA ALA A 271 -7.79 -10.58 -10.37
C ALA A 271 -9.09 -10.22 -9.70
N VAL A 272 -10.12 -10.62 -10.40
CA VAL A 272 -11.44 -10.40 -9.89
C VAL A 272 -11.82 -11.72 -9.19
N GLY A 273 -10.77 -12.43 -8.82
CA GLY A 273 -10.92 -13.63 -8.02
C GLY A 273 -11.48 -13.15 -6.68
N THR A 274 -10.74 -13.37 -5.59
CA THR A 274 -11.16 -13.08 -4.20
C THR A 274 -10.43 -13.92 -3.10
N ASP A 275 -10.73 -13.64 -1.83
CA ASP A 275 -10.11 -14.44 -0.78
C ASP A 275 -10.64 -14.31 0.63
N ILE A 276 -11.88 -14.68 0.81
CA ILE A 276 -12.40 -14.75 2.16
C ILE A 276 -12.19 -16.23 2.60
N GLN A 277 -11.60 -17.03 1.70
CA GLN A 277 -11.18 -18.40 2.01
C GLN A 277 -10.10 -18.18 3.07
N ASP A 278 -9.30 -17.11 2.95
CA ASP A 278 -8.31 -16.82 3.98
C ASP A 278 -9.06 -16.03 4.98
N ASN A 279 -9.03 -16.52 6.21
CA ASN A 279 -9.80 -15.97 7.31
C ASN A 279 -9.38 -14.50 7.44
N LYS A 280 -9.55 -13.74 6.36
CA LYS A 280 -9.15 -12.34 6.35
C LYS A 280 -10.03 -11.37 7.13
N CYS A 281 -9.40 -10.68 8.07
CA CYS A 281 -10.06 -9.65 8.85
C CYS A 281 -10.41 -8.51 7.88
N SER A 282 -11.53 -8.63 7.21
CA SER A 282 -11.89 -7.64 6.23
C SER A 282 -12.98 -6.85 6.91
N TRP A 283 -13.33 -5.69 6.36
CA TRP A 283 -14.38 -4.80 6.88
C TRP A 283 -15.77 -5.46 6.95
N LEU A 284 -16.12 -6.15 5.87
CA LEU A 284 -17.42 -6.83 5.74
C LEU A 284 -17.65 -7.81 6.88
N VAL A 285 -16.64 -8.62 7.16
CA VAL A 285 -16.74 -9.55 8.25
C VAL A 285 -17.13 -8.77 9.52
N VAL A 286 -16.31 -7.79 9.88
CA VAL A 286 -16.51 -6.95 11.06
C VAL A 286 -17.87 -6.26 11.15
N GLN A 287 -18.24 -5.66 10.02
CA GLN A 287 -19.49 -4.95 9.82
C GLN A 287 -20.64 -5.95 9.93
N CYS A 288 -20.31 -7.21 9.67
CA CYS A 288 -21.25 -8.32 9.74
C CYS A 288 -21.50 -8.62 11.19
N LEU A 289 -20.46 -9.11 11.86
CA LEU A 289 -20.51 -9.45 13.27
C LEU A 289 -21.13 -8.37 14.16
N GLN A 290 -21.45 -7.21 13.62
CA GLN A 290 -22.09 -6.23 14.46
C GLN A 290 -23.59 -6.25 14.15
N ARG A 291 -23.93 -6.69 12.94
CA ARG A 291 -25.30 -6.78 12.40
C ARG A 291 -25.96 -8.19 12.66
N VAL A 292 -25.14 -9.14 13.08
CA VAL A 292 -25.56 -10.52 13.36
C VAL A 292 -26.47 -10.81 14.56
N THR A 293 -27.00 -12.02 14.46
CA THR A 293 -27.81 -12.63 15.50
C THR A 293 -26.81 -13.65 16.02
N PRO A 294 -27.16 -14.37 17.07
CA PRO A 294 -26.24 -15.34 17.60
C PRO A 294 -26.27 -16.59 16.72
N GLU A 295 -27.29 -16.73 15.92
CA GLU A 295 -27.24 -17.94 15.14
C GLU A 295 -26.22 -17.56 14.14
N GLN A 296 -26.62 -16.58 13.34
CA GLN A 296 -25.78 -16.06 12.26
C GLN A 296 -24.27 -16.01 12.60
N ARG A 297 -23.92 -15.64 13.84
CA ARG A 297 -22.52 -15.58 14.22
C ARG A 297 -21.86 -16.94 14.13
N GLN A 298 -22.47 -17.95 14.74
CA GLN A 298 -21.93 -19.29 14.64
C GLN A 298 -21.97 -19.72 13.15
N LEU A 299 -22.88 -19.16 12.36
CA LEU A 299 -22.91 -19.52 10.93
C LEU A 299 -21.54 -19.14 10.36
N LEU A 300 -21.18 -17.87 10.50
CA LEU A 300 -19.92 -17.36 10.04
C LEU A 300 -18.85 -18.16 10.71
N GLU A 301 -18.91 -18.17 12.04
CA GLU A 301 -17.91 -18.89 12.80
C GLU A 301 -17.50 -20.24 12.21
N ASP A 302 -18.44 -20.89 11.53
CA ASP A 302 -18.12 -22.16 10.89
C ASP A 302 -17.63 -22.00 9.46
N ASN A 303 -18.56 -21.84 8.54
CA ASN A 303 -18.23 -21.63 7.11
C ASN A 303 -17.05 -20.70 6.67
N TYR A 304 -16.68 -19.71 7.50
CA TYR A 304 -15.62 -18.75 7.15
C TYR A 304 -14.21 -19.33 7.04
N GLY A 305 -13.36 -18.64 6.30
CA GLY A 305 -11.95 -19.01 6.11
C GLY A 305 -11.88 -20.37 5.47
N ARG A 306 -12.86 -20.66 4.61
CA ARG A 306 -13.01 -21.96 3.98
C ARG A 306 -12.95 -21.98 2.45
N LYS A 307 -12.04 -22.78 1.91
CA LYS A 307 -11.86 -22.92 0.45
C LYS A 307 -12.79 -24.00 -0.10
N GLU A 308 -14.06 -23.82 0.22
CA GLU A 308 -15.12 -24.73 -0.20
C GLU A 308 -16.24 -23.89 -0.79
N PRO A 309 -16.38 -23.98 -2.11
CA PRO A 309 -17.36 -23.21 -2.88
C PRO A 309 -18.68 -23.03 -2.17
N GLU A 310 -19.11 -24.07 -1.46
CA GLU A 310 -20.38 -24.02 -0.75
C GLU A 310 -20.38 -23.02 0.40
N LYS A 311 -19.41 -23.15 1.28
CA LYS A 311 -19.29 -22.25 2.41
C LYS A 311 -19.24 -20.78 1.91
N VAL A 312 -18.35 -20.54 0.96
CA VAL A 312 -18.16 -19.25 0.34
C VAL A 312 -19.49 -18.62 -0.04
N ALA A 313 -20.33 -19.40 -0.72
CA ALA A 313 -21.60 -18.84 -1.14
C ALA A 313 -22.41 -18.48 0.10
N LYS A 314 -22.40 -19.37 1.07
CA LYS A 314 -23.14 -19.05 2.27
C LYS A 314 -22.68 -17.73 2.85
N VAL A 315 -21.37 -17.64 3.12
CA VAL A 315 -20.69 -16.45 3.63
C VAL A 315 -21.23 -15.14 3.07
N LYS A 316 -21.33 -15.14 1.75
CA LYS A 316 -21.76 -13.97 1.03
C LYS A 316 -23.24 -13.78 1.19
N GLU A 317 -23.97 -14.91 1.18
CA GLU A 317 -25.41 -14.89 1.37
C GLU A 317 -25.65 -14.05 2.61
N LEU A 318 -24.83 -14.39 3.61
CA LEU A 318 -24.91 -13.79 4.87
C LEU A 318 -24.79 -12.30 4.66
N TYR A 319 -23.71 -11.85 4.04
CA TYR A 319 -23.51 -10.42 3.81
C TYR A 319 -24.68 -9.65 3.16
N GLU A 320 -25.26 -10.22 2.09
CA GLU A 320 -26.42 -9.61 1.42
C GLU A 320 -27.60 -9.92 2.36
N ALA A 321 -27.53 -11.06 3.05
CA ALA A 321 -28.56 -11.41 4.03
C ALA A 321 -28.60 -10.34 5.11
N VAL A 322 -27.44 -9.78 5.41
CA VAL A 322 -27.42 -8.75 6.42
C VAL A 322 -27.49 -7.38 5.80
N GLY A 323 -27.24 -7.30 4.50
CA GLY A 323 -27.31 -5.99 3.83
C GLY A 323 -26.09 -5.10 3.91
N MET A 324 -24.93 -5.65 3.64
CA MET A 324 -23.64 -4.96 3.66
C MET A 324 -23.66 -3.97 2.54
N ARG A 325 -24.37 -4.36 1.49
CA ARG A 325 -24.51 -3.55 0.29
C ARG A 325 -24.81 -2.08 0.64
N ALA A 326 -25.92 -1.80 1.31
CA ALA A 326 -26.16 -0.42 1.63
C ALA A 326 -25.20 0.12 2.68
N ALA A 327 -24.76 -0.74 3.60
CA ALA A 327 -23.84 -0.27 4.64
C ALA A 327 -22.65 0.37 3.96
N PHE A 328 -22.27 -0.17 2.81
CA PHE A 328 -21.17 0.45 2.13
C PHE A 328 -21.54 1.82 1.60
N GLN A 329 -22.64 1.90 0.86
CA GLN A 329 -23.09 3.12 0.21
C GLN A 329 -23.29 4.20 1.23
N GLN A 330 -23.71 3.79 2.41
CA GLN A 330 -23.83 4.77 3.48
C GLN A 330 -22.44 5.13 4.04
N TYR A 331 -21.48 4.20 3.97
CA TYR A 331 -20.14 4.53 4.44
C TYR A 331 -19.33 5.39 3.48
N GLU A 332 -19.29 5.01 2.20
CA GLU A 332 -18.54 5.79 1.19
C GLU A 332 -19.14 7.17 1.31
N GLU A 333 -20.42 7.15 1.66
CA GLU A 333 -21.24 8.34 1.85
C GLU A 333 -20.64 9.34 2.83
N SER A 334 -20.53 8.93 4.09
CA SER A 334 -20.02 9.83 5.10
C SER A 334 -18.56 10.09 4.80
N SER A 335 -17.85 9.03 4.43
CA SER A 335 -16.43 9.10 4.12
C SER A 335 -16.05 10.30 3.30
N TYR A 336 -16.70 10.49 2.15
CA TYR A 336 -16.42 11.70 1.36
C TYR A 336 -16.64 12.83 2.33
N ARG A 337 -17.83 13.45 2.35
CA ARG A 337 -18.18 14.54 3.30
C ARG A 337 -17.11 14.90 4.36
N ARG A 338 -16.90 13.97 5.29
CA ARG A 338 -15.90 14.02 6.36
C ARG A 338 -14.59 14.57 5.80
N LEU A 339 -14.07 13.90 4.80
CA LEU A 339 -12.88 14.32 4.11
C LEU A 339 -12.87 15.83 3.77
N GLN A 340 -13.91 16.33 3.13
CA GLN A 340 -13.86 17.73 2.74
C GLN A 340 -13.75 18.52 3.96
N GLU A 341 -14.50 18.16 4.97
CA GLU A 341 -14.35 18.89 6.22
C GLU A 341 -12.94 18.91 6.78
N LEU A 342 -12.23 17.82 6.50
CA LEU A 342 -10.89 17.59 6.99
C LEU A 342 -9.93 18.33 6.09
N ILE A 343 -10.42 18.52 4.88
CA ILE A 343 -9.64 19.22 3.90
C ILE A 343 -9.68 20.64 4.40
N GLU A 344 -10.78 20.99 5.07
CA GLU A 344 -10.98 22.35 5.56
C GLU A 344 -10.17 22.59 6.80
N LYS A 345 -10.32 21.74 7.80
CA LYS A 345 -9.54 21.95 9.00
C LYS A 345 -8.02 21.84 8.80
N HIS A 346 -7.59 21.00 7.86
CA HIS A 346 -6.15 20.74 7.69
C HIS A 346 -5.32 21.16 6.50
N SER A 347 -5.94 21.75 5.47
CA SER A 347 -5.21 22.25 4.29
C SER A 347 -5.13 23.78 4.33
N ASN A 348 -4.85 24.33 5.52
CA ASN A 348 -4.70 25.75 5.63
C ASN A 348 -3.50 26.19 4.78
N ARG A 349 -2.33 25.71 5.15
CA ARG A 349 -1.13 26.04 4.43
C ARG A 349 -0.80 25.23 3.18
N LEU A 350 -1.32 24.01 3.06
CA LEU A 350 -0.98 23.17 1.90
C LEU A 350 -1.99 23.33 0.79
N PRO A 351 -1.62 22.99 -0.43
CA PRO A 351 -2.55 23.15 -1.53
C PRO A 351 -3.56 22.03 -1.54
N LYS A 352 -4.81 22.36 -1.26
CA LYS A 352 -5.89 21.39 -1.26
C LYS A 352 -5.85 20.51 -2.53
N GLU A 353 -5.35 21.10 -3.61
CA GLU A 353 -5.34 20.46 -4.92
C GLU A 353 -4.86 19.05 -4.75
N ILE A 354 -3.83 18.92 -3.93
CA ILE A 354 -3.22 17.63 -3.67
C ILE A 354 -4.20 16.53 -3.31
N PHE A 355 -4.81 16.73 -2.16
CA PHE A 355 -5.74 15.80 -1.59
C PHE A 355 -6.95 15.52 -2.46
N LEU A 356 -7.26 16.41 -3.38
CA LEU A 356 -8.40 16.20 -4.26
C LEU A 356 -8.05 15.25 -5.37
N GLY A 357 -6.93 15.53 -6.01
CA GLY A 357 -6.51 14.71 -7.14
C GLY A 357 -6.30 13.30 -6.64
N LEU A 358 -5.78 13.26 -5.42
CA LEU A 358 -5.52 12.00 -4.81
C LEU A 358 -6.87 11.34 -4.65
N ALA A 359 -7.80 12.12 -4.11
CA ALA A 359 -9.15 11.64 -3.87
C ALA A 359 -9.86 11.19 -5.12
N GLN A 360 -9.78 11.98 -6.19
CA GLN A 360 -10.44 11.62 -7.46
C GLN A 360 -9.86 10.30 -8.03
N LYS A 361 -8.85 9.72 -7.42
CA LYS A 361 -8.41 8.50 -8.03
C LYS A 361 -8.69 7.34 -7.08
N ILE A 362 -9.13 7.75 -5.89
CA ILE A 362 -9.37 6.87 -4.77
C ILE A 362 -10.84 6.61 -4.43
N TYR A 363 -11.70 7.61 -4.59
CA TYR A 363 -13.08 7.47 -4.18
C TYR A 363 -13.99 6.69 -5.08
N LYS A 364 -13.65 6.71 -6.36
CA LYS A 364 -14.39 6.06 -7.44
C LYS A 364 -15.82 5.64 -7.07
N ARG A 365 -15.98 4.39 -6.66
CA ARG A 365 -17.32 3.92 -6.25
C ARG A 365 -17.42 2.44 -6.31
N GLN A 366 -18.26 2.06 -7.28
CA GLN A 366 -18.80 0.72 -7.62
C GLN A 366 -19.99 0.47 -6.69
N LYS A 367 -20.94 1.41 -6.77
CA LYS A 367 -22.14 1.46 -5.92
C LYS A 367 -21.69 1.50 -4.45
#